data_1YNU
#
_entry.id   1YNU
#
_cell.length_a   103.300
_cell.length_b   59.360
_cell.length_c   79.050
_cell.angle_alpha   90.00
_cell.angle_beta   124.20
_cell.angle_gamma   90.00
#
_symmetry.space_group_name_H-M   'C 1 2 1'
#
loop_
_entity.id
_entity.type
_entity.pdbx_description
1 polymer '1-aminocyclopropane-1-carboxylate synthase'
2 non-polymer 'NICKEL (II) ION'
3 non-polymer 'POTASSIUM ION'
4 non-polymer '2-[O-PHOSPHONOPYRIDOXYL]-AMINO- BUTYRIC ACID'
5 non-polymer 2-AMINO-2-HYDROXYMETHYL-PROPANE-1,3-DIOL
6 water water
#
_entity_poly.entity_id   1
_entity_poly.type   'polypeptide(L)'
_entity_poly.pdbx_seq_one_letter_code
;MRMLSRNATFNSHGQDSSYFLGWQEYEKNPYHEVHNTNGIIQMGLAENQLCFDLLESWLAKNPEAAAFKKNGESIFAELA
LFQDYHGLPAFKKAMVDFMAEIRGNKVTFDPNHLVLTAGATSANETFIFCLADPGEAVLIPTPYYPGFDRDLKWRTGVEI
VPIHCTSSNGFQITETALEEAYQEAEKRNLRVKGVLVTNPSNPLGTTMTRNELYLLLSFVEDKGIHLISDEIYSGTAFSS
PSFISVMEVLKDRNCDENSEVWQRVHVVYSLSKDLGLPGFRVGAIYSNDDMVVAAATKMSSFGLVSSQTQHLLSAMLSDK
KLTKNYIAENHKRLKQRQKKLVSGLQKSGISCLNGNAGLFCWVDMRHLLRSNTFEAEMELWKKIVYEVHLNISPGSSCHC
TEPGWFRVCFANLPERTLDLAMQRLKAFVGEYYNVPEVNGGSQSSHLSHSRRQSLTKWVSRLSFDDRGPIPGR
;
_entity_poly.pdbx_strand_id   A
#
loop_
_chem_comp.id
_chem_comp.type
_chem_comp.name
_chem_comp.formula
K non-polymer 'POTASSIUM ION' 'K 1'
NI non-polymer 'NICKEL (II) ION' 'Ni 2'
PY4 non-polymer '2-[O-PHOSPHONOPYRIDOXYL]-AMINO- BUTYRIC ACID' 'C12 H19 N2 O7 P'
TRS non-polymer 2-AMINO-2-HYDROXYMETHYL-PROPANE-1,3-DIOL 'C4 H12 N O3 1'
#
# COMPACT_ATOMS: atom_id res chain seq x y z
N LEU A 4 25.79 11.12 -17.56
CA LEU A 4 24.54 11.56 -16.87
C LEU A 4 24.88 12.17 -15.51
N SER A 5 24.04 11.91 -14.51
CA SER A 5 24.26 12.44 -13.17
C SER A 5 24.13 11.35 -12.12
N ARG A 6 24.50 11.70 -10.88
CA ARG A 6 24.43 10.79 -9.74
C ARG A 6 23.09 10.08 -9.64
N ASN A 7 22.01 10.86 -9.60
CA ASN A 7 20.66 10.30 -9.50
C ASN A 7 20.37 9.36 -10.67
N ALA A 8 20.82 9.74 -11.86
CA ALA A 8 20.61 8.92 -13.05
C ALA A 8 21.42 7.63 -13.05
N THR A 9 22.35 7.51 -12.10
CA THR A 9 23.18 6.32 -11.99
C THR A 9 23.15 5.70 -10.59
N SER A 17 15.13 -5.37 -4.38
CA SER A 17 15.85 -5.88 -5.55
C SER A 17 15.11 -7.09 -6.11
N SER A 18 15.10 -8.17 -5.34
CA SER A 18 14.41 -9.38 -5.76
C SER A 18 12.95 -9.09 -6.13
N TYR A 19 12.35 -8.13 -5.43
CA TYR A 19 10.97 -7.74 -5.70
C TYR A 19 10.85 -7.23 -7.13
N PHE A 20 11.89 -6.53 -7.58
CA PHE A 20 11.92 -5.98 -8.93
C PHE A 20 12.44 -6.96 -9.99
N LEU A 21 13.30 -7.88 -9.58
CA LEU A 21 13.84 -8.88 -10.50
C LEU A 21 12.75 -9.90 -10.85
N GLY A 22 12.18 -10.53 -9.81
CA GLY A 22 11.13 -11.51 -10.02
C GLY A 22 10.02 -10.94 -10.89
N TRP A 23 9.79 -9.64 -10.75
CA TRP A 23 8.77 -8.94 -11.51
C TRP A 23 9.18 -8.90 -12.99
N GLN A 24 10.47 -8.67 -13.24
CA GLN A 24 10.97 -8.59 -14.61
C GLN A 24 11.06 -9.97 -15.25
N GLU A 25 11.26 -10.99 -14.41
CA GLU A 25 11.34 -12.36 -14.90
C GLU A 25 9.95 -12.80 -15.32
N TYR A 26 8.96 -12.34 -14.57
CA TYR A 26 7.58 -12.67 -14.86
C TYR A 26 7.21 -12.20 -16.27
N GLU A 27 7.69 -11.02 -16.66
CA GLU A 27 7.39 -10.50 -17.98
C GLU A 27 8.20 -11.18 -19.07
N LYS A 28 9.33 -11.77 -18.70
CA LYS A 28 10.17 -12.48 -19.65
C LYS A 28 9.52 -13.82 -20.00
N ASN A 29 8.62 -14.28 -19.13
CA ASN A 29 7.93 -15.55 -19.34
C ASN A 29 6.67 -15.64 -18.48
N PRO A 30 5.69 -14.76 -18.74
CA PRO A 30 4.43 -14.75 -17.97
C PRO A 30 3.53 -15.94 -18.24
N TYR A 31 2.79 -16.36 -17.22
CA TYR A 31 1.88 -17.48 -17.34
C TYR A 31 0.64 -17.12 -18.13
N HIS A 32 0.12 -18.09 -18.86
CA HIS A 32 -1.10 -17.90 -19.63
C HIS A 32 -1.85 -19.23 -19.71
N GLU A 33 -3.11 -19.20 -19.32
CA GLU A 33 -3.97 -20.39 -19.31
C GLU A 33 -4.23 -21.03 -20.66
N VAL A 34 -3.56 -20.55 -21.71
CA VAL A 34 -3.76 -21.11 -23.04
C VAL A 34 -2.48 -21.06 -23.88
N HIS A 35 -1.85 -19.90 -23.90
CA HIS A 35 -0.63 -19.71 -24.69
C HIS A 35 0.67 -20.09 -23.98
N ASN A 36 0.66 -20.16 -22.65
CA ASN A 36 1.88 -20.50 -21.91
C ASN A 36 1.56 -21.01 -20.50
N THR A 37 1.12 -22.26 -20.42
CA THR A 37 0.75 -22.87 -19.13
C THR A 37 1.89 -23.12 -18.16
N ASN A 38 3.12 -23.18 -18.68
CA ASN A 38 4.29 -23.39 -17.83
C ASN A 38 4.93 -22.05 -17.48
N GLY A 39 4.17 -20.98 -17.70
CA GLY A 39 4.68 -19.65 -17.40
C GLY A 39 4.78 -19.36 -15.93
N ILE A 40 5.30 -18.18 -15.60
CA ILE A 40 5.46 -17.76 -14.22
C ILE A 40 4.15 -17.14 -13.75
N ILE A 41 3.69 -17.58 -12.58
CA ILE A 41 2.47 -17.04 -12.00
C ILE A 41 2.85 -15.84 -11.14
N GLN A 42 2.18 -14.72 -11.36
CA GLN A 42 2.47 -13.50 -10.63
C GLN A 42 1.69 -13.34 -9.33
N MET A 43 2.38 -13.51 -8.22
CA MET A 43 1.78 -13.37 -6.90
C MET A 43 2.64 -12.37 -6.13
N GLY A 44 3.35 -11.54 -6.88
CA GLY A 44 4.23 -10.54 -6.29
C GLY A 44 3.74 -9.11 -6.38
N LEU A 45 2.61 -8.89 -7.03
CA LEU A 45 2.05 -7.54 -7.17
C LEU A 45 0.72 -7.42 -6.44
N ALA A 46 0.68 -6.55 -5.44
CA ALA A 46 -0.53 -6.36 -4.65
C ALA A 46 -1.64 -5.61 -5.40
N GLU A 47 -2.29 -6.29 -6.34
CA GLU A 47 -3.37 -5.68 -7.09
C GLU A 47 -4.69 -6.37 -6.76
N ASN A 48 -5.79 -5.62 -6.89
CA ASN A 48 -7.12 -6.14 -6.60
C ASN A 48 -8.00 -6.16 -7.85
N GLN A 49 -8.12 -7.32 -8.50
CA GLN A 49 -8.96 -7.47 -9.70
C GLN A 49 -10.29 -8.15 -9.38
N LEU A 50 -10.62 -8.27 -8.10
CA LEU A 50 -11.84 -8.96 -7.71
C LEU A 50 -13.16 -8.28 -8.00
N CYS A 51 -13.21 -6.96 -7.85
CA CYS A 51 -14.44 -6.20 -8.05
C CYS A 51 -14.57 -5.34 -9.29
N PHE A 52 -13.93 -5.73 -10.38
CA PHE A 52 -14.03 -4.94 -11.61
C PHE A 52 -15.43 -4.96 -12.20
N ASP A 53 -16.05 -6.14 -12.19
CA ASP A 53 -17.40 -6.33 -12.71
C ASP A 53 -18.38 -5.29 -12.20
N LEU A 54 -18.27 -4.93 -10.92
CA LEU A 54 -19.17 -3.94 -10.32
C LEU A 54 -18.97 -2.56 -10.94
N LEU A 55 -17.73 -2.24 -11.29
CA LEU A 55 -17.41 -0.95 -11.88
C LEU A 55 -17.76 -0.96 -13.37
N GLU A 56 -17.25 -1.97 -14.07
CA GLU A 56 -17.49 -2.12 -15.50
C GLU A 56 -18.99 -2.01 -15.79
N SER A 57 -19.79 -2.62 -14.91
CA SER A 57 -21.24 -2.62 -15.03
C SER A 57 -21.79 -1.22 -14.83
N TRP A 58 -21.38 -0.57 -13.77
CA TRP A 58 -21.84 0.78 -13.49
C TRP A 58 -21.52 1.74 -14.66
N LEU A 59 -20.29 1.67 -15.18
CA LEU A 59 -19.88 2.52 -16.28
C LEU A 59 -20.75 2.37 -17.53
N ALA A 60 -20.92 1.13 -17.99
CA ALA A 60 -21.74 0.89 -19.18
C ALA A 60 -23.16 1.46 -19.04
N LYS A 61 -23.61 1.70 -17.81
CA LYS A 61 -24.95 2.24 -17.60
C LYS A 61 -24.99 3.70 -17.17
N ASN A 62 -23.83 4.28 -16.94
CA ASN A 62 -23.72 5.69 -16.56
C ASN A 62 -22.61 6.25 -17.44
N PRO A 63 -22.89 6.35 -18.75
CA PRO A 63 -21.96 6.85 -19.77
C PRO A 63 -21.63 8.34 -19.78
N GLU A 64 -22.39 9.14 -19.04
CA GLU A 64 -22.14 10.59 -19.03
C GLU A 64 -20.81 11.04 -18.46
N ALA A 65 -20.35 10.39 -17.40
CA ALA A 65 -19.07 10.77 -16.80
C ALA A 65 -17.96 10.68 -17.85
N ALA A 66 -17.89 9.54 -18.52
CA ALA A 66 -16.88 9.31 -19.54
C ALA A 66 -17.19 10.10 -20.81
N ALA A 67 -18.34 10.77 -20.83
CA ALA A 67 -18.72 11.53 -22.01
C ALA A 67 -18.45 13.02 -21.83
N PHE A 68 -17.69 13.38 -20.79
CA PHE A 68 -17.35 14.77 -20.53
C PHE A 68 -18.61 15.61 -20.42
N LYS A 69 -19.66 15.03 -19.84
CA LYS A 69 -20.92 15.73 -19.69
C LYS A 69 -21.37 15.78 -18.25
N LYS A 70 -21.90 16.95 -17.84
CA LYS A 70 -22.40 17.14 -16.50
C LYS A 70 -23.81 17.72 -16.59
N ASN A 71 -24.72 17.19 -15.78
CA ASN A 71 -26.10 17.65 -15.80
C ASN A 71 -26.60 17.64 -17.24
N GLY A 72 -26.07 16.71 -18.03
CA GLY A 72 -26.47 16.61 -19.42
C GLY A 72 -25.63 17.43 -20.39
N GLU A 73 -25.21 18.62 -19.95
CA GLU A 73 -24.41 19.50 -20.80
C GLU A 73 -22.91 19.18 -20.86
N SER A 74 -22.33 19.32 -22.05
CA SER A 74 -20.91 19.04 -22.24
C SER A 74 -20.01 19.98 -21.46
N ILE A 75 -19.00 19.42 -20.80
CA ILE A 75 -18.04 20.20 -20.04
C ILE A 75 -16.65 19.76 -20.46
N PHE A 76 -16.53 19.32 -21.71
CA PHE A 76 -15.26 18.86 -22.22
C PHE A 76 -14.19 19.95 -22.25
N ALA A 77 -14.59 21.15 -22.63
CA ALA A 77 -13.66 22.27 -22.72
C ALA A 77 -13.13 22.65 -21.36
N GLU A 78 -14.01 22.65 -20.36
CA GLU A 78 -13.64 23.01 -19.00
C GLU A 78 -12.64 22.03 -18.40
N LEU A 79 -12.85 20.74 -18.67
CA LEU A 79 -11.97 19.70 -18.18
C LEU A 79 -10.64 19.72 -18.92
N ALA A 80 -10.69 19.87 -20.24
CA ALA A 80 -9.48 19.92 -21.06
C ALA A 80 -8.53 21.02 -20.59
N LEU A 81 -9.09 22.09 -20.07
CA LEU A 81 -8.31 23.22 -19.56
C LEU A 81 -7.98 23.14 -18.07
N PHE A 82 -8.70 22.30 -17.33
CA PHE A 82 -8.46 22.22 -15.90
C PHE A 82 -7.11 21.61 -15.52
N GLN A 83 -6.19 22.43 -15.06
CA GLN A 83 -4.88 21.94 -14.64
C GLN A 83 -4.52 22.60 -13.31
N ASP A 84 -5.55 23.04 -12.60
CA ASP A 84 -5.41 23.70 -11.31
C ASP A 84 -4.75 22.75 -10.30
N TYR A 85 -3.61 23.13 -9.73
CA TYR A 85 -2.97 22.24 -8.78
C TYR A 85 -3.71 22.13 -7.45
N HIS A 86 -4.88 22.74 -7.39
CA HIS A 86 -5.70 22.65 -6.21
C HIS A 86 -6.68 21.49 -6.36
N GLY A 87 -6.78 20.97 -7.58
CA GLY A 87 -7.66 19.85 -7.88
C GLY A 87 -9.12 20.21 -8.10
N LEU A 88 -9.80 19.40 -8.90
CA LEU A 88 -11.22 19.62 -9.20
C LEU A 88 -11.98 19.53 -7.87
N PRO A 89 -12.68 20.61 -7.47
CA PRO A 89 -13.41 20.57 -6.20
C PRO A 89 -14.46 19.47 -6.00
N ALA A 90 -15.20 19.13 -7.05
CA ALA A 90 -16.21 18.08 -6.92
C ALA A 90 -15.54 16.74 -6.62
N PHE A 91 -14.36 16.53 -7.19
CA PHE A 91 -13.64 15.29 -6.98
C PHE A 91 -13.05 15.21 -5.57
N LYS A 92 -12.53 16.34 -5.07
CA LYS A 92 -11.95 16.34 -3.73
C LYS A 92 -13.01 16.08 -2.66
N LYS A 93 -14.22 16.59 -2.89
CA LYS A 93 -15.30 16.38 -1.94
C LYS A 93 -15.70 14.90 -1.98
N ALA A 94 -15.82 14.35 -3.18
CA ALA A 94 -16.18 12.95 -3.35
C ALA A 94 -15.13 12.04 -2.70
N MET A 95 -13.88 12.49 -2.74
CA MET A 95 -12.77 11.75 -2.14
C MET A 95 -12.80 11.76 -0.62
N VAL A 96 -13.00 12.94 -0.04
CA VAL A 96 -13.01 13.05 1.41
C VAL A 96 -14.20 12.33 2.04
N ASP A 97 -15.26 12.14 1.27
CA ASP A 97 -16.43 11.44 1.80
C ASP A 97 -16.20 9.94 1.69
N PHE A 98 -15.54 9.53 0.61
CA PHE A 98 -15.24 8.13 0.43
C PHE A 98 -14.27 7.66 1.52
N MET A 99 -13.30 8.51 1.85
CA MET A 99 -12.33 8.19 2.89
C MET A 99 -13.03 8.16 4.26
N ALA A 100 -14.04 8.99 4.42
CA ALA A 100 -14.80 9.05 5.65
C ALA A 100 -15.65 7.79 5.78
N GLU A 101 -16.24 7.36 4.66
CA GLU A 101 -17.07 6.16 4.61
C GLU A 101 -16.27 4.89 4.93
N ILE A 102 -15.03 4.83 4.46
CA ILE A 102 -14.16 3.69 4.70
C ILE A 102 -13.85 3.59 6.20
N ARG A 103 -13.86 4.74 6.85
CA ARG A 103 -13.55 4.81 8.28
C ARG A 103 -14.82 4.87 9.12
N GLY A 104 -15.87 4.24 8.61
CA GLY A 104 -17.13 4.20 9.33
C GLY A 104 -17.61 5.58 9.71
N ASN A 105 -17.21 6.59 8.94
CA ASN A 105 -17.61 7.96 9.22
C ASN A 105 -17.27 8.40 10.63
N LYS A 106 -16.27 7.77 11.21
CA LYS A 106 -15.81 8.10 12.56
C LYS A 106 -14.88 9.32 12.49
N VAL A 107 -14.45 9.67 11.28
CA VAL A 107 -13.59 10.84 11.11
C VAL A 107 -14.00 11.60 9.86
N THR A 108 -13.69 12.89 9.84
CA THR A 108 -14.03 13.72 8.69
C THR A 108 -12.79 14.46 8.16
N PHE A 109 -12.74 14.62 6.84
CA PHE A 109 -11.62 15.30 6.19
C PHE A 109 -12.04 16.57 5.48
N ASP A 110 -11.21 17.61 5.58
CA ASP A 110 -11.49 18.87 4.92
C ASP A 110 -10.84 18.83 3.53
N PRO A 111 -11.62 19.06 2.47
CA PRO A 111 -11.13 19.04 1.10
C PRO A 111 -10.07 20.10 0.77
N ASN A 112 -10.04 21.19 1.54
CA ASN A 112 -9.04 22.23 1.32
C ASN A 112 -7.71 21.81 1.94
N HIS A 113 -7.72 20.66 2.58
CA HIS A 113 -6.54 20.13 3.23
C HIS A 113 -6.11 18.84 2.54
N LEU A 114 -6.83 18.49 1.48
CA LEU A 114 -6.50 17.30 0.72
C LEU A 114 -5.71 17.72 -0.52
N VAL A 115 -4.63 17.02 -0.83
CA VAL A 115 -3.82 17.34 -2.00
C VAL A 115 -3.71 16.11 -2.90
N LEU A 116 -4.15 16.24 -4.15
CA LEU A 116 -4.10 15.13 -5.11
C LEU A 116 -2.71 15.00 -5.75
N THR A 117 -2.32 13.77 -6.05
CA THR A 117 -1.02 13.47 -6.65
C THR A 117 -1.24 12.28 -7.58
N ALA A 118 -0.31 12.06 -8.50
CA ALA A 118 -0.42 10.94 -9.43
C ALA A 118 0.00 9.64 -8.75
N GLY A 119 -0.91 9.09 -7.97
CA GLY A 119 -0.62 7.87 -7.24
C GLY A 119 0.02 8.17 -5.89
N ALA A 120 0.11 7.15 -5.03
CA ALA A 120 0.72 7.29 -3.71
C ALA A 120 2.25 7.28 -3.80
N THR A 121 2.77 6.76 -4.90
CA THR A 121 4.21 6.75 -5.14
C THR A 121 4.63 8.24 -5.17
N SER A 122 3.87 9.03 -5.89
CA SER A 122 4.09 10.46 -6.05
C SER A 122 3.79 11.21 -4.76
N ALA A 123 2.81 10.75 -3.99
CA ALA A 123 2.49 11.44 -2.75
C ALA A 123 3.50 11.16 -1.63
N ASN A 124 4.10 9.99 -1.60
CA ASN A 124 5.08 9.70 -0.55
C ASN A 124 6.39 10.46 -0.79
N GLU A 125 6.83 10.49 -2.04
CA GLU A 125 8.05 11.21 -2.36
C GLU A 125 7.86 12.68 -2.04
N THR A 126 6.71 13.22 -2.46
CA THR A 126 6.37 14.61 -2.25
C THR A 126 6.38 14.96 -0.77
N PHE A 127 5.87 14.06 0.05
CA PHE A 127 5.84 14.34 1.46
C PHE A 127 7.26 14.37 2.02
N ILE A 128 8.13 13.52 1.49
CA ILE A 128 9.52 13.49 1.92
C ILE A 128 10.19 14.81 1.57
N PHE A 129 9.93 15.31 0.37
CA PHE A 129 10.53 16.57 -0.09
C PHE A 129 10.08 17.74 0.76
N CYS A 130 8.87 17.64 1.32
CA CYS A 130 8.33 18.72 2.15
C CYS A 130 8.83 18.72 3.60
N LEU A 131 9.14 17.55 4.13
CA LEU A 131 9.57 17.53 5.53
C LEU A 131 11.06 17.29 5.75
N ALA A 132 11.70 16.54 4.86
CA ALA A 132 13.11 16.25 5.04
C ALA A 132 14.09 16.75 3.99
N ASP A 133 15.11 17.49 4.43
CA ASP A 133 16.11 17.98 3.52
C ASP A 133 17.08 16.84 3.27
N PRO A 134 17.82 16.89 2.15
CA PRO A 134 18.77 15.82 1.88
C PRO A 134 19.63 15.58 3.13
N GLY A 135 20.11 14.35 3.31
CA GLY A 135 20.93 14.05 4.47
C GLY A 135 20.15 13.75 5.74
N GLU A 136 18.91 14.24 5.84
CA GLU A 136 18.09 14.01 7.02
C GLU A 136 17.51 12.59 6.99
N ALA A 137 16.65 12.25 7.96
CA ALA A 137 16.13 10.88 8.02
C ALA A 137 14.69 10.65 8.49
N VAL A 138 14.15 9.49 8.12
CA VAL A 138 12.81 9.08 8.52
C VAL A 138 12.87 7.65 9.07
N LEU A 139 12.06 7.38 10.09
CA LEU A 139 12.02 6.04 10.67
C LEU A 139 10.88 5.25 10.07
N ILE A 140 11.18 4.02 9.66
CA ILE A 140 10.17 3.16 9.06
C ILE A 140 10.21 1.72 9.60
N PRO A 141 9.06 1.23 10.10
CA PRO A 141 8.93 -0.12 10.64
C PRO A 141 9.17 -1.13 9.55
N THR A 142 9.94 -2.16 9.85
CA THR A 142 10.19 -3.21 8.89
C THR A 142 9.41 -4.41 9.40
N PRO A 143 8.99 -5.32 8.51
CA PRO A 143 9.22 -5.23 7.06
C PRO A 143 8.36 -4.12 6.45
N TYR A 144 8.79 -3.61 5.30
CA TYR A 144 8.01 -2.58 4.64
C TYR A 144 8.02 -2.77 3.15
N TYR A 145 7.16 -2.02 2.45
CA TYR A 145 7.07 -2.11 0.99
C TYR A 145 8.42 -1.82 0.31
N PRO A 146 8.94 -2.80 -0.46
CA PRO A 146 10.21 -2.69 -1.16
C PRO A 146 10.35 -1.41 -1.98
N GLY A 147 9.24 -0.94 -2.55
CA GLY A 147 9.28 0.27 -3.35
C GLY A 147 9.70 1.50 -2.59
N PHE A 148 9.66 1.46 -1.26
CA PHE A 148 10.06 2.60 -0.46
C PHE A 148 11.50 3.02 -0.69
N ASP A 149 12.38 2.05 -0.91
CA ASP A 149 13.78 2.38 -1.12
C ASP A 149 13.96 3.32 -2.31
N ARG A 150 13.15 3.12 -3.34
CA ARG A 150 13.21 3.97 -4.52
C ARG A 150 12.42 5.25 -4.31
N ASP A 151 11.14 5.10 -4.01
CA ASP A 151 10.25 6.26 -3.83
C ASP A 151 10.76 7.34 -2.90
N LEU A 152 11.13 6.95 -1.70
CA LEU A 152 11.56 7.91 -0.71
C LEU A 152 13.01 8.34 -0.71
N LYS A 153 13.89 7.63 -1.40
CA LYS A 153 15.30 8.01 -1.34
C LYS A 153 16.00 8.50 -2.61
N TRP A 154 15.69 7.86 -3.74
CA TRP A 154 16.28 8.18 -5.03
C TRP A 154 16.47 9.66 -5.34
N ARG A 155 15.43 10.46 -5.24
CA ARG A 155 15.56 11.86 -5.60
C ARG A 155 15.57 12.86 -4.44
N THR A 156 15.22 12.38 -3.25
CA THR A 156 15.17 13.24 -2.07
C THR A 156 16.48 13.24 -1.30
N GLY A 157 17.29 12.20 -1.49
CA GLY A 157 18.54 12.11 -0.78
C GLY A 157 18.35 11.89 0.71
N VAL A 158 17.12 11.58 1.12
CA VAL A 158 16.83 11.34 2.53
C VAL A 158 17.09 9.87 2.89
N GLU A 159 17.39 9.61 4.15
CA GLU A 159 17.68 8.24 4.60
C GLU A 159 16.56 7.59 5.42
N ILE A 160 16.42 6.29 5.28
CA ILE A 160 15.42 5.56 6.05
C ILE A 160 16.12 4.74 7.14
N VAL A 161 15.70 4.95 8.37
CA VAL A 161 16.26 4.20 9.47
C VAL A 161 15.17 3.24 9.91
N PRO A 162 15.44 1.94 9.76
CA PRO A 162 14.52 0.86 10.10
C PRO A 162 14.21 0.65 11.58
N ILE A 163 12.92 0.47 11.86
CA ILE A 163 12.41 0.20 13.19
C ILE A 163 12.12 -1.29 13.07
N HIS A 164 13.03 -2.12 13.58
CA HIS A 164 12.88 -3.57 13.48
C HIS A 164 11.72 -4.19 14.25
N CYS A 165 11.07 -5.15 13.62
CA CYS A 165 9.94 -5.88 14.19
C CYS A 165 10.14 -7.37 13.93
N THR A 166 9.84 -8.19 14.93
CA THR A 166 10.00 -9.63 14.77
C THR A 166 8.70 -10.39 14.96
N SER A 167 8.69 -11.66 14.56
CA SER A 167 7.52 -12.51 14.68
C SER A 167 7.18 -12.81 16.13
N SER A 168 8.12 -12.55 17.04
CA SER A 168 7.90 -12.78 18.46
C SER A 168 6.54 -12.24 18.90
N ASN A 169 6.32 -10.94 18.69
CA ASN A 169 5.06 -10.30 19.07
C ASN A 169 4.18 -10.02 17.84
N GLY A 170 4.30 -10.87 16.83
CA GLY A 170 3.50 -10.69 15.63
C GLY A 170 3.89 -9.48 14.79
N PHE A 171 5.18 -9.16 14.76
CA PHE A 171 5.68 -8.04 13.99
C PHE A 171 5.07 -6.71 14.36
N GLN A 172 4.59 -6.57 15.59
CA GLN A 172 4.03 -5.29 16.01
C GLN A 172 5.16 -4.32 16.40
N ILE A 173 4.81 -3.05 16.52
CA ILE A 173 5.78 -2.02 16.88
C ILE A 173 5.84 -1.89 18.39
N THR A 174 7.05 -1.97 18.94
CA THR A 174 7.26 -1.86 20.38
C THR A 174 8.03 -0.60 20.77
N GLU A 175 7.82 -0.14 22.00
CA GLU A 175 8.51 1.03 22.52
C GLU A 175 10.02 0.80 22.37
N THR A 176 10.42 -0.44 22.56
CA THR A 176 11.82 -0.83 22.48
C THR A 176 12.41 -0.57 21.09
N ALA A 177 11.70 -1.03 20.06
CA ALA A 177 12.14 -0.86 18.68
C ALA A 177 12.25 0.61 18.30
N LEU A 178 11.31 1.41 18.76
CA LEU A 178 11.29 2.84 18.46
C LEU A 178 12.50 3.58 19.01
N GLU A 179 12.77 3.39 20.30
CA GLU A 179 13.90 4.06 20.94
C GLU A 179 15.18 3.58 20.30
N GLU A 180 15.25 2.28 20.05
CA GLU A 180 16.41 1.67 19.44
C GLU A 180 16.70 2.26 18.04
N ALA A 181 15.66 2.39 17.23
CA ALA A 181 15.82 2.93 15.89
C ALA A 181 16.27 4.39 15.99
N TYR A 182 15.70 5.12 16.94
CA TYR A 182 16.04 6.52 17.13
C TYR A 182 17.46 6.69 17.68
N GLN A 183 17.93 5.71 18.45
CA GLN A 183 19.26 5.75 19.02
C GLN A 183 20.26 5.49 17.91
N GLU A 184 19.82 4.74 16.91
CA GLU A 184 20.66 4.44 15.76
C GLU A 184 20.83 5.70 14.91
N ALA A 185 19.78 6.52 14.85
CA ALA A 185 19.81 7.76 14.10
C ALA A 185 20.82 8.69 14.76
N GLU A 186 20.59 8.99 16.03
CA GLU A 186 21.48 9.85 16.81
C GLU A 186 22.92 9.38 16.66
N LYS A 187 23.10 8.06 16.63
CA LYS A 187 24.41 7.46 16.48
C LYS A 187 25.04 7.89 15.16
N ARG A 188 24.25 7.86 14.09
CA ARG A 188 24.74 8.23 12.78
C ARG A 188 24.56 9.72 12.51
N ASN A 189 24.36 10.48 13.58
CA ASN A 189 24.20 11.93 13.50
C ASN A 189 23.17 12.33 12.45
N LEU A 190 22.15 11.49 12.25
CA LEU A 190 21.09 11.75 11.30
C LEU A 190 19.98 12.51 12.00
N ARG A 191 19.48 13.58 11.39
CA ARG A 191 18.39 14.34 11.99
C ARG A 191 17.09 13.65 11.57
N VAL A 192 16.39 13.09 12.56
CA VAL A 192 15.13 12.38 12.33
C VAL A 192 14.01 13.39 12.18
N LYS A 193 13.32 13.33 11.05
CA LYS A 193 12.24 14.27 10.80
C LYS A 193 10.88 13.69 11.10
N GLY A 194 10.76 12.37 11.06
CA GLY A 194 9.48 11.75 11.35
C GLY A 194 9.48 10.25 11.16
N VAL A 195 8.31 9.66 11.38
CA VAL A 195 8.11 8.23 11.22
C VAL A 195 7.05 8.04 10.15
N LEU A 196 7.27 7.08 9.26
CA LEU A 196 6.32 6.81 8.20
C LEU A 196 5.86 5.37 8.42
N VAL A 197 4.57 5.18 8.65
CA VAL A 197 4.03 3.84 8.89
C VAL A 197 2.98 3.44 7.88
N THR A 198 2.80 2.13 7.68
CA THR A 198 1.79 1.67 6.78
C THR A 198 0.67 0.99 7.60
N ASN A 199 -0.52 1.55 7.50
CA ASN A 199 -1.69 1.07 8.24
C ASN A 199 -2.96 1.04 7.37
N PRO A 200 -3.45 -0.15 7.00
CA PRO A 200 -2.95 -1.50 7.28
C PRO A 200 -1.55 -1.71 6.72
N SER A 201 -0.80 -2.63 7.34
CA SER A 201 0.55 -2.91 6.92
C SER A 201 0.77 -3.75 5.66
N ASN A 202 1.75 -3.32 4.87
CA ASN A 202 2.16 -4.02 3.69
C ASN A 202 3.60 -4.26 4.12
N PRO A 203 4.08 -5.51 4.07
CA PRO A 203 3.53 -6.79 3.66
C PRO A 203 2.81 -7.67 4.70
N LEU A 204 2.63 -7.19 5.92
CA LEU A 204 2.01 -7.98 6.97
C LEU A 204 0.53 -8.31 6.71
N GLY A 205 -0.22 -7.36 6.20
CA GLY A 205 -1.62 -7.57 5.91
C GLY A 205 -2.40 -7.57 7.21
N THR A 206 -1.99 -6.67 8.12
CA THR A 206 -2.61 -6.56 9.41
C THR A 206 -2.93 -5.11 9.71
N THR A 207 -4.03 -4.87 10.42
CA THR A 207 -4.40 -3.52 10.80
C THR A 207 -3.61 -3.18 12.06
N MET A 208 -3.27 -1.92 12.25
CA MET A 208 -2.53 -1.51 13.43
C MET A 208 -3.47 -1.45 14.63
N THR A 209 -3.00 -1.95 15.78
CA THR A 209 -3.82 -1.93 16.98
C THR A 209 -3.82 -0.53 17.55
N ARG A 210 -4.86 -0.22 18.32
CA ARG A 210 -4.96 1.10 18.95
C ARG A 210 -3.74 1.37 19.85
N ASN A 211 -3.25 0.35 20.55
CA ASN A 211 -2.08 0.56 21.41
C ASN A 211 -0.85 0.97 20.57
N GLU A 212 -0.68 0.36 19.40
CA GLU A 212 0.44 0.72 18.54
C GLU A 212 0.32 2.17 18.07
N LEU A 213 -0.90 2.57 17.76
CA LEU A 213 -1.19 3.92 17.31
C LEU A 213 -0.87 4.94 18.40
N TYR A 214 -1.35 4.68 19.62
CA TYR A 214 -1.10 5.59 20.75
C TYR A 214 0.41 5.66 20.99
N LEU A 215 1.07 4.53 20.88
CA LEU A 215 2.51 4.44 21.07
C LEU A 215 3.27 5.34 20.08
N LEU A 216 2.80 5.36 18.84
CA LEU A 216 3.42 6.17 17.80
C LEU A 216 3.15 7.65 18.03
N LEU A 217 1.91 7.96 18.41
CA LEU A 217 1.53 9.33 18.67
C LEU A 217 2.31 9.90 19.84
N SER A 218 2.59 9.05 20.83
CA SER A 218 3.32 9.47 22.01
C SER A 218 4.81 9.68 21.70
N PHE A 219 5.40 8.73 21.00
CA PHE A 219 6.79 8.81 20.62
C PHE A 219 7.11 10.06 19.79
N VAL A 220 6.27 10.38 18.81
CA VAL A 220 6.53 11.55 17.97
C VAL A 220 6.18 12.83 18.72
N GLU A 221 5.46 12.70 19.83
CA GLU A 221 5.12 13.86 20.62
C GLU A 221 6.31 14.18 21.52
N ASP A 222 7.05 13.15 21.92
CA ASP A 222 8.22 13.31 22.78
C ASP A 222 9.46 13.66 21.98
N LYS A 223 9.43 13.39 20.68
CA LYS A 223 10.58 13.69 19.84
C LYS A 223 10.37 14.95 19.03
N GLY A 224 9.17 15.48 19.03
CA GLY A 224 8.88 16.68 18.26
C GLY A 224 9.02 16.45 16.75
N ILE A 225 8.68 15.25 16.29
CA ILE A 225 8.76 14.92 14.86
C ILE A 225 7.40 14.62 14.22
N HIS A 226 7.40 14.36 12.93
CA HIS A 226 6.15 14.10 12.21
C HIS A 226 5.76 12.64 12.10
N LEU A 227 4.46 12.41 11.94
CA LEU A 227 3.97 11.06 11.77
C LEU A 227 3.23 10.96 10.44
N ILE A 228 3.68 10.07 9.58
CA ILE A 228 3.05 9.89 8.29
C ILE A 228 2.47 8.48 8.26
N SER A 229 1.17 8.40 7.99
CA SER A 229 0.50 7.11 7.92
C SER A 229 0.05 6.83 6.49
N ASP A 230 0.64 5.82 5.89
CA ASP A 230 0.29 5.39 4.55
C ASP A 230 -0.90 4.43 4.69
N GLU A 231 -2.10 4.99 4.50
CA GLU A 231 -3.35 4.24 4.62
C GLU A 231 -3.96 3.78 3.28
N ILE A 232 -3.10 3.49 2.30
CA ILE A 232 -3.58 3.05 1.00
C ILE A 232 -4.41 1.75 1.03
N TYR A 233 -4.22 0.94 2.07
CA TYR A 233 -4.96 -0.31 2.17
C TYR A 233 -6.14 -0.23 3.15
N SER A 234 -6.49 0.97 3.56
CA SER A 234 -7.57 1.17 4.52
C SER A 234 -8.89 0.52 4.13
N GLY A 235 -9.17 0.43 2.83
CA GLY A 235 -10.41 -0.17 2.37
C GLY A 235 -10.35 -1.66 2.12
N THR A 236 -9.22 -2.28 2.43
CA THR A 236 -9.03 -3.72 2.25
C THR A 236 -9.04 -4.46 3.60
N ALA A 237 -9.63 -3.83 4.61
CA ALA A 237 -9.72 -4.46 5.93
C ALA A 237 -10.99 -5.33 5.92
N PHE A 238 -10.83 -6.56 5.43
CA PHE A 238 -11.92 -7.53 5.30
C PHE A 238 -12.20 -8.43 6.53
N SER A 239 -11.55 -8.19 7.64
CA SER A 239 -11.80 -9.02 8.82
C SER A 239 -11.45 -8.28 10.09
N SER A 240 -12.02 -8.75 11.19
CA SER A 240 -11.80 -8.16 12.50
C SER A 240 -10.35 -8.40 12.93
N PRO A 241 -9.77 -7.48 13.71
CA PRO A 241 -10.43 -6.26 14.19
C PRO A 241 -10.61 -5.19 13.12
N SER A 242 -11.21 -4.08 13.54
CA SER A 242 -11.49 -2.96 12.66
C SER A 242 -10.27 -2.12 12.33
N PHE A 243 -10.32 -1.48 11.17
CA PHE A 243 -9.26 -0.60 10.74
C PHE A 243 -9.39 0.68 11.58
N ILE A 244 -8.29 1.11 12.16
CA ILE A 244 -8.31 2.32 12.96
C ILE A 244 -7.35 3.34 12.37
N SER A 245 -7.90 4.40 11.81
CA SER A 245 -7.09 5.45 11.22
C SER A 245 -6.38 6.22 12.31
N VAL A 246 -5.19 6.70 12.00
CA VAL A 246 -4.43 7.49 12.95
C VAL A 246 -5.22 8.74 13.27
N MET A 247 -6.04 9.20 12.33
CA MET A 247 -6.84 10.40 12.53
C MET A 247 -7.95 10.17 13.55
N GLU A 248 -8.37 8.91 13.71
CA GLU A 248 -9.42 8.63 14.68
C GLU A 248 -8.82 8.67 16.08
N VAL A 249 -7.58 8.21 16.20
CA VAL A 249 -6.90 8.18 17.48
C VAL A 249 -6.68 9.59 18.02
N LEU A 250 -6.61 10.56 17.13
CA LEU A 250 -6.43 11.96 17.52
C LEU A 250 -7.76 12.55 17.96
N LYS A 251 -8.83 11.83 17.65
CA LYS A 251 -10.19 12.26 18.00
C LYS A 251 -10.65 11.64 19.32
N ASP A 252 -9.70 11.16 20.12
CA ASP A 252 -10.04 10.56 21.40
C ASP A 252 -8.78 10.23 22.19
N SER A 259 -2.69 18.61 21.44
CA SER A 259 -2.42 20.02 21.67
C SER A 259 -1.85 20.64 20.40
N GLU A 260 -0.69 20.14 19.98
CA GLU A 260 -0.03 20.62 18.77
C GLU A 260 0.55 19.46 17.98
N VAL A 261 0.31 18.24 18.45
CA VAL A 261 0.83 17.06 17.76
C VAL A 261 0.02 16.72 16.53
N TRP A 262 -1.24 17.17 16.50
CA TRP A 262 -2.09 16.87 15.34
C TRP A 262 -1.67 17.62 14.10
N GLN A 263 -0.89 18.68 14.27
CA GLN A 263 -0.41 19.44 13.12
C GLN A 263 0.78 18.71 12.51
N ARG A 264 1.19 17.62 13.15
CA ARG A 264 2.32 16.84 12.67
C ARG A 264 1.93 15.40 12.35
N VAL A 265 0.63 15.18 12.18
CA VAL A 265 0.11 13.88 11.80
C VAL A 265 -0.41 14.03 10.37
N HIS A 266 0.02 13.13 9.49
CA HIS A 266 -0.36 13.18 8.09
C HIS A 266 -0.79 11.84 7.53
N VAL A 267 -1.60 11.92 6.49
CA VAL A 267 -2.12 10.73 5.84
C VAL A 267 -1.88 10.69 4.35
N VAL A 268 -1.53 9.51 3.88
CA VAL A 268 -1.30 9.31 2.47
C VAL A 268 -2.31 8.27 2.02
N TYR A 269 -3.03 8.60 0.95
CA TYR A 269 -4.05 7.72 0.44
C TYR A 269 -3.90 7.48 -1.05
N SER A 270 -4.74 6.62 -1.60
CA SER A 270 -4.68 6.27 -3.02
C SER A 270 -5.93 5.46 -3.37
N LEU A 271 -6.31 5.41 -4.64
CA LEU A 271 -7.47 4.64 -5.07
C LEU A 271 -6.94 3.43 -5.82
N SER A 272 -5.63 3.26 -5.80
CA SER A 272 -5.00 2.15 -6.48
C SER A 272 -5.35 0.77 -5.92
N LYS A 273 -5.45 0.66 -4.60
CA LYS A 273 -5.69 -0.65 -3.99
C LYS A 273 -7.12 -1.06 -3.60
N ASP A 274 -7.90 -0.16 -3.04
CA ASP A 274 -9.26 -0.54 -2.68
C ASP A 274 -10.14 -0.56 -3.90
N LEU A 275 -9.95 0.40 -4.80
CA LEU A 275 -10.76 0.42 -6.01
C LEU A 275 -10.14 -0.42 -7.11
N GLY A 276 -8.86 -0.73 -6.97
CA GLY A 276 -8.20 -1.51 -8.00
C GLY A 276 -7.92 -0.72 -9.26
N LEU A 277 -7.71 0.59 -9.15
CA LEU A 277 -7.43 1.44 -10.32
C LEU A 277 -6.00 2.03 -10.31
N PRO A 278 -4.98 1.20 -10.13
CA PRO A 278 -3.61 1.74 -10.12
C PRO A 278 -3.26 2.46 -11.44
N GLY A 279 -3.86 2.03 -12.53
CA GLY A 279 -3.59 2.64 -13.81
C GLY A 279 -4.03 4.09 -13.95
N PHE A 280 -5.06 4.49 -13.20
CA PHE A 280 -5.57 5.85 -13.22
C PHE A 280 -4.73 6.85 -12.39
N ARG A 281 -3.78 6.34 -11.61
CA ARG A 281 -2.88 7.19 -10.83
C ARG A 281 -3.51 8.26 -9.94
N VAL A 282 -4.39 7.85 -9.04
CA VAL A 282 -5.01 8.82 -8.16
C VAL A 282 -4.48 8.61 -6.76
N GLY A 283 -3.74 9.60 -6.28
CA GLY A 283 -3.16 9.56 -4.96
C GLY A 283 -3.51 10.83 -4.23
N ALA A 284 -3.18 10.91 -2.95
CA ALA A 284 -3.50 12.10 -2.19
C ALA A 284 -2.75 12.22 -0.89
N ILE A 285 -2.67 13.44 -0.40
CA ILE A 285 -1.99 13.70 0.85
C ILE A 285 -3.00 14.48 1.66
N TYR A 286 -3.08 14.18 2.94
CA TYR A 286 -3.96 14.92 3.80
C TYR A 286 -3.17 15.28 5.03
N SER A 287 -3.17 16.57 5.36
CA SER A 287 -2.45 17.05 6.52
C SER A 287 -3.29 18.09 7.22
N ASN A 288 -3.03 18.33 8.49
CA ASN A 288 -3.77 19.32 9.25
C ASN A 288 -2.95 20.61 9.26
N ASP A 289 -1.68 20.49 8.89
CA ASP A 289 -0.75 21.62 8.85
C ASP A 289 -0.96 22.48 7.59
N ASP A 290 -1.55 23.65 7.75
CA ASP A 290 -1.81 24.55 6.62
C ASP A 290 -0.55 24.77 5.76
N MET A 291 0.62 24.78 6.40
CA MET A 291 1.87 24.97 5.69
C MET A 291 2.25 23.79 4.80
N VAL A 292 2.12 22.58 5.32
CA VAL A 292 2.45 21.38 4.55
C VAL A 292 1.60 21.31 3.28
N VAL A 293 0.30 21.57 3.44
CA VAL A 293 -0.68 21.55 2.35
C VAL A 293 -0.27 22.48 1.22
N ALA A 294 -0.05 23.74 1.55
CA ALA A 294 0.32 24.75 0.57
C ALA A 294 1.59 24.35 -0.19
N ALA A 295 2.55 23.76 0.51
CA ALA A 295 3.78 23.34 -0.15
C ALA A 295 3.59 22.07 -0.98
N ALA A 296 2.81 21.13 -0.45
CA ALA A 296 2.54 19.87 -1.14
C ALA A 296 1.72 20.19 -2.38
N THR A 297 0.82 21.15 -2.21
CA THR A 297 -0.06 21.63 -3.25
C THR A 297 0.76 22.12 -4.42
N LYS A 298 1.75 22.98 -4.14
CA LYS A 298 2.59 23.49 -5.21
C LYS A 298 3.36 22.37 -5.89
N MET A 299 3.85 21.41 -5.11
CA MET A 299 4.60 20.30 -5.68
C MET A 299 3.78 19.33 -6.53
N SER A 300 2.45 19.33 -6.35
CA SER A 300 1.61 18.43 -7.11
C SER A 300 1.72 18.74 -8.61
N SER A 301 2.07 20.00 -8.94
CA SER A 301 2.25 20.43 -10.33
C SER A 301 3.13 19.44 -11.08
N PHE A 302 4.02 18.76 -10.37
CA PHE A 302 4.90 17.79 -11.02
C PHE A 302 4.25 16.44 -11.27
N GLY A 303 3.04 16.24 -10.77
CA GLY A 303 2.34 14.98 -10.95
C GLY A 303 0.87 15.11 -10.63
N LEU A 304 0.18 15.91 -11.42
CA LEU A 304 -1.25 16.14 -11.23
C LEU A 304 -2.05 14.96 -11.76
N VAL A 305 -3.31 14.88 -11.34
CA VAL A 305 -4.18 13.82 -11.80
C VAL A 305 -4.94 14.34 -13.02
N SER A 306 -5.03 13.52 -14.06
CA SER A 306 -5.77 13.90 -15.25
C SER A 306 -7.17 14.34 -14.85
N SER A 307 -7.57 15.51 -15.33
CA SER A 307 -8.89 16.05 -15.02
C SER A 307 -10.00 15.12 -15.55
N GLN A 308 -9.66 14.30 -16.53
CA GLN A 308 -10.62 13.39 -17.11
C GLN A 308 -10.93 12.33 -16.06
N THR A 309 -9.87 11.78 -15.48
CA THR A 309 -10.00 10.77 -14.44
C THR A 309 -10.68 11.38 -13.23
N GLN A 310 -10.31 12.62 -12.88
CA GLN A 310 -10.92 13.28 -11.72
C GLN A 310 -12.43 13.40 -11.88
N HIS A 311 -12.86 13.78 -13.07
CA HIS A 311 -14.27 13.95 -13.28
C HIS A 311 -15.03 12.60 -13.27
N LEU A 312 -14.43 11.58 -13.86
CA LEU A 312 -15.03 10.26 -13.89
C LEU A 312 -15.22 9.72 -12.48
N LEU A 313 -14.14 9.73 -11.71
CA LEU A 313 -14.20 9.21 -10.35
C LEU A 313 -15.02 10.10 -9.47
N SER A 314 -15.26 11.32 -9.93
CA SER A 314 -16.07 12.25 -9.15
C SER A 314 -17.54 11.80 -9.22
N ALA A 315 -17.95 11.30 -10.37
CA ALA A 315 -19.31 10.81 -10.55
C ALA A 315 -19.47 9.46 -9.84
N MET A 316 -18.51 8.55 -10.07
CA MET A 316 -18.56 7.24 -9.44
C MET A 316 -18.54 7.30 -7.92
N LEU A 317 -17.62 8.07 -7.36
CA LEU A 317 -17.52 8.17 -5.92
C LEU A 317 -18.62 9.01 -5.31
N SER A 318 -19.49 9.53 -6.16
CA SER A 318 -20.60 10.34 -5.65
C SER A 318 -21.85 9.48 -5.51
N ASP A 319 -21.88 8.36 -6.22
CA ASP A 319 -23.02 7.43 -6.13
C ASP A 319 -22.88 6.64 -4.84
N LYS A 320 -23.50 7.14 -3.77
CA LYS A 320 -23.43 6.49 -2.47
C LYS A 320 -23.93 5.04 -2.51
N LYS A 321 -24.73 4.71 -3.52
CA LYS A 321 -25.24 3.34 -3.65
C LYS A 321 -24.14 2.45 -4.19
N LEU A 322 -23.40 2.97 -5.17
CA LEU A 322 -22.30 2.23 -5.76
C LEU A 322 -21.18 2.00 -4.75
N THR A 323 -20.78 3.05 -4.02
CA THR A 323 -19.69 2.90 -3.06
C THR A 323 -20.03 2.02 -1.87
N LYS A 324 -21.25 2.13 -1.36
CA LYS A 324 -21.68 1.31 -0.21
C LYS A 324 -21.64 -0.16 -0.62
N ASN A 325 -22.17 -0.46 -1.80
CA ASN A 325 -22.18 -1.83 -2.29
C ASN A 325 -20.79 -2.32 -2.68
N TYR A 326 -19.95 -1.42 -3.20
CA TYR A 326 -18.63 -1.83 -3.60
C TYR A 326 -17.80 -2.24 -2.40
N ILE A 327 -17.79 -1.38 -1.37
CA ILE A 327 -17.04 -1.66 -0.17
C ILE A 327 -17.45 -2.99 0.45
N ALA A 328 -18.75 -3.19 0.64
CA ALA A 328 -19.24 -4.42 1.25
C ALA A 328 -18.90 -5.64 0.41
N GLU A 329 -19.09 -5.54 -0.90
CA GLU A 329 -18.78 -6.67 -1.78
C GLU A 329 -17.27 -6.94 -1.88
N ASN A 330 -16.45 -5.89 -1.78
CA ASN A 330 -15.00 -6.06 -1.86
C ASN A 330 -14.49 -6.80 -0.61
N HIS A 331 -14.93 -6.39 0.57
CA HIS A 331 -14.52 -7.06 1.82
C HIS A 331 -14.83 -8.54 1.76
N LYS A 332 -16.05 -8.84 1.32
CA LYS A 332 -16.55 -10.21 1.20
C LYS A 332 -15.71 -11.05 0.27
N ARG A 333 -15.48 -10.55 -0.94
CA ARG A 333 -14.67 -11.31 -1.89
C ARG A 333 -13.21 -11.42 -1.44
N LEU A 334 -12.70 -10.37 -0.80
CA LEU A 334 -11.31 -10.39 -0.32
C LEU A 334 -11.18 -11.50 0.74
N LYS A 335 -12.07 -11.49 1.72
CA LYS A 335 -12.06 -12.50 2.77
C LYS A 335 -12.15 -13.89 2.18
N GLN A 336 -13.10 -14.11 1.28
CA GLN A 336 -13.20 -15.43 0.70
C GLN A 336 -11.90 -15.81 -0.02
N ARG A 337 -11.34 -14.87 -0.77
CA ARG A 337 -10.10 -15.15 -1.49
C ARG A 337 -8.94 -15.39 -0.52
N GLN A 338 -8.90 -14.65 0.59
CA GLN A 338 -7.83 -14.83 1.55
C GLN A 338 -7.82 -16.26 2.15
N LYS A 339 -8.99 -16.73 2.59
CA LYS A 339 -9.10 -18.07 3.17
C LYS A 339 -8.65 -19.15 2.18
N LYS A 340 -8.95 -18.96 0.91
CA LYS A 340 -8.57 -19.91 -0.13
C LYS A 340 -7.07 -20.00 -0.27
N LEU A 341 -6.36 -18.91 0.02
CA LEU A 341 -4.91 -18.97 -0.07
C LEU A 341 -4.37 -19.64 1.21
N VAL A 342 -4.90 -19.23 2.36
CA VAL A 342 -4.47 -19.79 3.65
C VAL A 342 -4.62 -21.30 3.65
N SER A 343 -5.81 -21.76 3.28
CA SER A 343 -6.08 -23.19 3.20
C SER A 343 -5.17 -23.88 2.18
N GLY A 344 -4.97 -23.24 1.03
CA GLY A 344 -4.10 -23.81 0.03
C GLY A 344 -2.70 -23.97 0.60
N LEU A 345 -2.26 -22.99 1.38
CA LEU A 345 -0.95 -23.04 1.99
C LEU A 345 -0.90 -24.11 3.08
N GLN A 346 -1.91 -24.13 3.95
CA GLN A 346 -1.98 -25.11 5.04
C GLN A 346 -1.86 -26.52 4.44
N LYS A 347 -2.31 -26.64 3.19
CA LYS A 347 -2.29 -27.87 2.44
C LYS A 347 -0.87 -28.39 2.19
N SER A 348 0.09 -27.46 2.12
CA SER A 348 1.49 -27.83 1.92
C SER A 348 2.17 -27.71 3.29
N GLY A 349 1.37 -27.48 4.32
CA GLY A 349 1.92 -27.34 5.66
C GLY A 349 2.60 -26.00 5.88
N ILE A 350 2.09 -24.97 5.21
CA ILE A 350 2.68 -23.65 5.39
C ILE A 350 1.70 -22.73 6.09
N SER A 351 2.20 -22.04 7.12
CA SER A 351 1.38 -21.12 7.91
C SER A 351 1.62 -19.66 7.51
N CYS A 352 0.67 -18.81 7.88
CA CYS A 352 0.72 -17.38 7.58
C CYS A 352 0.49 -16.56 8.83
N LEU A 353 0.91 -15.30 8.80
CA LEU A 353 0.69 -14.40 9.92
C LEU A 353 -0.83 -14.20 9.89
N ASN A 354 -1.48 -14.16 11.06
CA ASN A 354 -2.93 -13.99 11.08
C ASN A 354 -3.31 -12.61 10.58
N GLY A 355 -3.57 -12.48 9.28
CA GLY A 355 -3.92 -11.20 8.70
C GLY A 355 -5.41 -10.98 8.49
N ASN A 356 -5.83 -9.73 8.58
CA ASN A 356 -7.23 -9.34 8.40
C ASN A 356 -7.35 -8.21 7.36
N ALA A 357 -6.29 -7.98 6.60
CA ALA A 357 -6.30 -6.90 5.62
C ALA A 357 -5.27 -7.02 4.51
N GLY A 358 -5.31 -6.09 3.58
CA GLY A 358 -4.36 -6.11 2.49
C GLY A 358 -4.82 -7.04 1.39
N LEU A 359 -3.95 -7.19 0.39
CA LEU A 359 -4.24 -8.03 -0.77
C LEU A 359 -3.22 -9.15 -0.82
N PHE A 360 -2.67 -9.48 0.33
CA PHE A 360 -1.63 -10.50 0.39
C PHE A 360 -1.52 -11.12 1.77
N CYS A 361 -0.78 -12.21 1.83
CA CYS A 361 -0.51 -12.91 3.08
C CYS A 361 1.00 -12.90 3.30
N TRP A 362 1.40 -12.69 4.55
CA TRP A 362 2.79 -12.68 4.97
C TRP A 362 2.99 -14.13 5.43
N VAL A 363 3.67 -14.90 4.58
CA VAL A 363 3.87 -16.33 4.80
C VAL A 363 5.17 -16.77 5.46
N ASP A 364 5.01 -17.70 6.41
CA ASP A 364 6.12 -18.26 7.17
C ASP A 364 6.68 -19.51 6.52
N MET A 365 7.82 -19.37 5.86
CA MET A 365 8.45 -20.51 5.22
C MET A 365 9.81 -20.80 5.82
N ARG A 366 9.99 -20.40 7.07
CA ARG A 366 11.24 -20.62 7.79
C ARG A 366 11.60 -22.09 7.86
N HIS A 367 10.60 -22.94 8.04
CA HIS A 367 10.82 -24.38 8.14
C HIS A 367 11.26 -25.00 6.84
N LEU A 368 11.39 -24.19 5.80
CA LEU A 368 11.82 -24.72 4.50
C LEU A 368 13.21 -24.21 4.15
N LEU A 369 13.78 -23.43 5.06
CA LEU A 369 15.12 -22.86 4.85
C LEU A 369 16.22 -23.87 5.16
N ARG A 370 17.19 -23.97 4.26
CA ARG A 370 18.31 -24.87 4.47
C ARG A 370 18.97 -24.48 5.80
N SER A 371 19.08 -23.18 6.04
CA SER A 371 19.68 -22.65 7.25
C SER A 371 19.00 -21.34 7.64
N ASN A 372 19.21 -20.87 8.87
CA ASN A 372 18.59 -19.64 9.32
C ASN A 372 19.32 -18.40 8.82
N THR A 373 19.59 -18.36 7.52
CA THR A 373 20.28 -17.23 6.93
C THR A 373 19.52 -16.66 5.73
N PHE A 374 19.90 -15.46 5.31
CA PHE A 374 19.25 -14.85 4.16
C PHE A 374 19.74 -15.53 2.89
N GLU A 375 20.97 -16.04 2.95
CA GLU A 375 21.55 -16.75 1.83
C GLU A 375 20.62 -17.90 1.50
N ALA A 376 20.14 -18.57 2.56
CA ALA A 376 19.21 -19.69 2.41
C ALA A 376 17.86 -19.20 1.90
N GLU A 377 17.46 -18.01 2.33
CA GLU A 377 16.20 -17.42 1.88
C GLU A 377 16.29 -17.20 0.38
N MET A 378 17.39 -16.59 -0.05
CA MET A 378 17.63 -16.34 -1.47
C MET A 378 17.49 -17.62 -2.25
N GLU A 379 18.19 -18.65 -1.80
CA GLU A 379 18.16 -19.96 -2.45
C GLU A 379 16.73 -20.49 -2.58
N LEU A 380 15.96 -20.40 -1.51
CA LEU A 380 14.58 -20.89 -1.56
C LEU A 380 13.77 -20.08 -2.56
N TRP A 381 14.05 -18.78 -2.61
CA TRP A 381 13.36 -17.87 -3.52
C TRP A 381 13.64 -18.21 -4.98
N LYS A 382 14.92 -18.39 -5.30
CA LYS A 382 15.35 -18.71 -6.66
C LYS A 382 14.61 -19.95 -7.15
N LYS A 383 14.62 -21.01 -6.34
CA LYS A 383 13.95 -22.25 -6.71
C LYS A 383 12.46 -22.04 -6.97
N ILE A 384 11.80 -21.31 -6.08
CA ILE A 384 10.38 -21.05 -6.25
C ILE A 384 10.09 -20.35 -7.59
N VAL A 385 10.89 -19.34 -7.91
CA VAL A 385 10.69 -18.60 -9.15
C VAL A 385 11.13 -19.37 -10.41
N TYR A 386 12.30 -19.99 -10.34
CA TYR A 386 12.82 -20.73 -11.49
C TYR A 386 12.39 -22.19 -11.61
N GLU A 387 11.85 -22.75 -10.53
CA GLU A 387 11.42 -24.14 -10.56
C GLU A 387 9.91 -24.28 -10.45
N VAL A 388 9.33 -23.66 -9.41
CA VAL A 388 7.89 -23.71 -9.20
C VAL A 388 7.21 -22.74 -10.16
N HIS A 389 7.98 -21.78 -10.66
CA HIS A 389 7.50 -20.76 -11.58
C HIS A 389 6.49 -19.84 -10.90
N LEU A 390 6.78 -19.48 -9.65
CA LEU A 390 5.90 -18.57 -8.91
C LEU A 390 6.67 -17.32 -8.49
N ASN A 391 6.06 -16.16 -8.69
CA ASN A 391 6.72 -14.94 -8.28
C ASN A 391 6.12 -14.47 -6.97
N ILE A 392 6.94 -14.42 -5.92
CA ILE A 392 6.53 -13.94 -4.62
C ILE A 392 7.66 -13.08 -4.09
N SER A 393 7.37 -12.22 -3.13
CA SER A 393 8.38 -11.33 -2.60
C SER A 393 9.07 -11.87 -1.34
N PRO A 394 10.40 -12.07 -1.39
CA PRO A 394 11.14 -12.57 -0.23
C PRO A 394 11.21 -11.47 0.84
N GLY A 395 11.32 -11.89 2.09
CA GLY A 395 11.33 -10.96 3.20
C GLY A 395 12.53 -10.02 3.31
N SER A 396 13.65 -10.38 2.70
CA SER A 396 14.83 -9.53 2.73
C SER A 396 14.55 -8.32 1.82
N SER A 397 13.74 -8.57 0.81
CA SER A 397 13.36 -7.53 -0.12
C SER A 397 12.51 -6.48 0.63
N CYS A 398 11.93 -6.88 1.75
CA CYS A 398 11.10 -5.99 2.58
C CYS A 398 11.87 -5.52 3.81
N HIS A 399 13.13 -5.91 3.86
CA HIS A 399 14.01 -5.56 4.97
C HIS A 399 13.54 -6.19 6.28
N CYS A 400 13.01 -7.41 6.17
CA CYS A 400 12.57 -8.14 7.35
C CYS A 400 13.82 -8.55 8.13
N THR A 401 13.73 -8.54 9.46
CA THR A 401 14.87 -8.89 10.31
C THR A 401 15.17 -10.39 10.34
N GLU A 402 14.16 -11.21 10.07
CA GLU A 402 14.35 -12.66 10.10
C GLU A 402 14.05 -13.32 8.76
N PRO A 403 14.97 -14.16 8.27
CA PRO A 403 14.83 -14.89 7.00
C PRO A 403 13.65 -15.85 7.02
N GLY A 404 13.20 -16.26 5.84
CA GLY A 404 12.10 -17.21 5.76
C GLY A 404 10.71 -16.69 5.47
N TRP A 405 10.46 -15.40 5.63
CA TRP A 405 9.13 -14.86 5.36
C TRP A 405 8.95 -14.36 3.92
N PHE A 406 7.78 -14.60 3.34
CA PHE A 406 7.47 -14.18 1.97
C PHE A 406 6.10 -13.55 1.87
N ARG A 407 5.96 -12.55 1.00
CA ARG A 407 4.66 -11.92 0.82
C ARG A 407 4.06 -12.58 -0.41
N VAL A 408 2.83 -13.04 -0.28
CA VAL A 408 2.13 -13.70 -1.38
C VAL A 408 0.80 -12.97 -1.63
N CYS A 409 0.67 -12.42 -2.84
CA CYS A 409 -0.52 -11.69 -3.25
C CYS A 409 -1.57 -12.68 -3.75
N PHE A 410 -2.80 -12.48 -3.31
CA PHE A 410 -3.87 -13.40 -3.67
C PHE A 410 -5.02 -12.80 -4.47
N ALA A 411 -5.06 -11.48 -4.61
CA ALA A 411 -6.16 -10.85 -5.32
C ALA A 411 -5.89 -10.38 -6.73
N ASN A 412 -4.70 -10.69 -7.25
CA ASN A 412 -4.31 -10.26 -8.58
C ASN A 412 -4.36 -11.32 -9.66
N LEU A 413 -5.28 -12.26 -9.53
CA LEU A 413 -5.40 -13.32 -10.51
C LEU A 413 -6.69 -14.13 -10.37
N PRO A 414 -7.00 -14.97 -11.38
CA PRO A 414 -8.21 -15.79 -11.37
C PRO A 414 -8.12 -16.88 -10.30
N GLU A 415 -9.24 -17.21 -9.68
CA GLU A 415 -9.27 -18.23 -8.64
C GLU A 415 -8.63 -19.53 -9.12
N ARG A 416 -8.96 -19.96 -10.33
CA ARG A 416 -8.40 -21.19 -10.87
C ARG A 416 -6.88 -21.14 -10.99
N THR A 417 -6.35 -19.98 -11.32
CA THR A 417 -4.91 -19.84 -11.45
C THR A 417 -4.29 -19.94 -10.06
N LEU A 418 -5.00 -19.43 -9.07
CA LEU A 418 -4.56 -19.47 -7.69
C LEU A 418 -4.41 -20.92 -7.22
N ASP A 419 -5.35 -21.75 -7.63
CA ASP A 419 -5.34 -23.17 -7.27
C ASP A 419 -4.14 -23.82 -7.94
N LEU A 420 -3.90 -23.45 -9.19
CA LEU A 420 -2.77 -24.00 -9.93
C LEU A 420 -1.48 -23.72 -9.17
N ALA A 421 -1.31 -22.47 -8.75
CA ALA A 421 -0.11 -22.08 -8.02
C ALA A 421 0.06 -22.97 -6.79
N MET A 422 -1.04 -23.20 -6.07
CA MET A 422 -1.03 -24.01 -4.86
C MET A 422 -0.58 -25.44 -5.15
N GLN A 423 -1.04 -26.00 -6.26
CA GLN A 423 -0.66 -27.34 -6.64
C GLN A 423 0.82 -27.44 -6.92
N ARG A 424 1.32 -26.50 -7.72
CA ARG A 424 2.74 -26.48 -8.07
C ARG A 424 3.56 -26.36 -6.79
N LEU A 425 2.99 -25.67 -5.80
CA LEU A 425 3.67 -25.47 -4.53
C LEU A 425 3.65 -26.73 -3.66
N LYS A 426 2.52 -27.42 -3.64
CA LYS A 426 2.37 -28.65 -2.87
C LYS A 426 3.33 -29.70 -3.46
N ALA A 427 3.34 -29.81 -4.78
CA ALA A 427 4.22 -30.77 -5.44
C ALA A 427 5.65 -30.49 -5.00
N PHE A 428 6.09 -29.25 -5.20
CA PHE A 428 7.45 -28.85 -4.84
C PHE A 428 7.88 -29.25 -3.43
N VAL A 429 7.08 -28.87 -2.43
CA VAL A 429 7.42 -29.21 -1.05
C VAL A 429 7.44 -30.73 -0.87
N GLY A 430 6.42 -31.39 -1.40
CA GLY A 430 6.36 -32.84 -1.29
C GLY A 430 7.32 -33.49 -2.27
N GLU A 431 8.20 -32.66 -2.84
CA GLU A 431 9.19 -33.11 -3.81
C GLU A 431 10.60 -32.87 -3.31
N TYR A 432 10.71 -32.13 -2.21
CA TYR A 432 12.01 -31.84 -1.61
C TYR A 432 11.95 -31.93 -0.09
N TYR A 433 10.79 -32.31 0.44
CA TYR A 433 10.60 -32.43 1.88
C TYR A 433 9.66 -33.59 2.21
NI NI B . -7.48 24.87 7.20
NI NI C . -5.72 26.92 -7.81
K K D . -1.38 11.83 -14.18
N1 PY4 E . 2.58 2.93 -0.89
C2 PY4 E . 2.57 1.61 -0.40
C2A PY4 E . 2.70 1.47 1.10
C3 PY4 E . 2.44 0.55 -1.35
O3 PY4 E . 2.43 -0.68 -0.92
C4 PY4 E . 2.31 0.90 -2.82
C4A PY4 E . 2.18 -0.14 -3.79
C5 PY4 E . 2.33 2.37 -3.22
C6 PY4 E . 2.46 3.33 -2.23
C5A PY4 E . 2.20 2.78 -4.71
O4P PY4 E . 0.79 2.95 -5.06
P PY4 E . 0.26 3.99 -6.25
O1P PY4 E . -0.82 4.78 -5.59
O2P PY4 E . -0.32 3.20 -7.33
O3P PY4 E . 1.41 4.82 -6.76
N PY4 E . 1.86 -1.37 -3.37
CA PY4 E . 1.66 -2.56 -4.24
C PY4 E . 2.77 -3.59 -4.00
O PY4 E . 3.27 -3.66 -2.87
CB PY4 E . 1.58 -2.16 -5.74
CG PY4 E . 0.10 -2.09 -6.12
OXT PY4 E . 3.17 -4.41 -4.93
C TRS F . -3.68 27.58 -9.82
C1 TRS F . -4.96 27.61 -10.69
C2 TRS F . -3.39 28.93 -9.53
C3 TRS F . -2.63 26.86 -10.65
N TRS F . -3.97 26.81 -8.57
O1 TRS F . -6.09 27.97 -10.05
O2 TRS F . -2.28 29.17 -8.67
O3 TRS F . -2.63 25.45 -10.81
#